data_4N7Y
#
_entry.id   4N7Y
#
_cell.length_a   72.510
_cell.length_b   103.520
_cell.length_c   114.040
_cell.angle_alpha   90.000
_cell.angle_beta   90.000
_cell.angle_gamma   90.000
#
_symmetry.space_group_name_H-M   'P 21 21 21'
#
loop_
_entity.id
_entity.type
_entity.pdbx_description
1 polymer '14-3-3 protein zeta/delta'
2 polymer 'Exoenzyme S'
3 water water
#
loop_
_entity_poly.entity_id
_entity_poly.type
_entity_poly.pdbx_seq_one_letter_code
_entity_poly.pdbx_strand_id
1 'polypeptide(L)'
;GAMGSMDKNELVQKAKLAEQAERYDDMAACMKSVTEQGAELSNEERNLLSVAYKNVVGARRSSWRVVSSIEQKTEGAEKK
QQMAREYREKIETELRDICNDVLSLLEKFLIPNASQAESKVFYLKMKGDYYRYLAEVAAGDDKKGIVDQSQQAYQEAFEI
SKKEMQPTHPIRLGLALNFSVFYYEILNSPEKACSLAKTAFDEAIAELDTLSEESYKDSTLIMQLLRDNLTLWTS
;
A,B
2 'polypeptide(L)' QG(2JN)LD(MK8)LDLAS C,D
#
# COMPACT_ATOMS: atom_id res chain seq x y z
N MET A 6 5.27 9.06 24.36
CA MET A 6 5.04 7.91 25.21
C MET A 6 6.36 7.32 25.71
N ASP A 7 6.27 6.19 26.41
CA ASP A 7 7.46 5.52 26.94
C ASP A 7 8.01 4.50 25.95
N LYS A 8 9.33 4.42 25.87
CA LYS A 8 9.98 3.49 24.97
C LYS A 8 9.18 2.20 24.74
N ASN A 9 8.82 1.49 25.81
CA ASN A 9 8.20 0.18 25.57
C ASN A 9 6.85 0.31 24.86
N GLU A 10 6.20 1.44 25.09
CA GLU A 10 4.89 1.71 24.52
C GLU A 10 5.01 2.02 23.05
N LEU A 11 5.96 2.89 22.72
CA LEU A 11 6.31 3.28 21.33
C LEU A 11 6.57 2.07 20.50
N VAL A 12 7.25 1.10 21.08
CA VAL A 12 7.57 -0.12 20.38
C VAL A 12 6.30 -0.92 20.18
N GLN A 13 5.47 -0.98 21.23
CA GLN A 13 4.25 -1.77 21.11
C GLN A 13 3.30 -1.14 20.05
N LYS A 14 3.25 0.18 20.02
CA LYS A 14 2.54 0.94 19.01
C LYS A 14 3.07 0.60 17.59
N ALA A 15 4.39 0.53 17.44
CA ALA A 15 5.01 0.25 16.13
C ALA A 15 4.60 -1.11 15.66
N LYS A 16 4.52 -2.09 16.56
CA LYS A 16 4.11 -3.41 16.14
C LYS A 16 2.61 -3.54 15.78
N LEU A 17 1.77 -2.72 16.40
CA LEU A 17 0.35 -2.65 16.01
C LEU A 17 0.22 -2.01 14.61
N ALA A 18 0.84 -0.84 14.42
CA ALA A 18 0.85 -0.13 13.11
C ALA A 18 1.36 -1.10 12.04
N GLU A 19 2.35 -1.93 12.41
CA GLU A 19 2.86 -2.88 11.45
C GLU A 19 1.78 -3.86 11.08
N GLN A 20 1.03 -4.34 12.06
CA GLN A 20 0.03 -5.33 11.73
C GLN A 20 -1.07 -4.63 10.93
N ALA A 21 -1.33 -3.38 11.23
CA ALA A 21 -2.39 -2.67 10.48
C ALA A 21 -1.90 -2.14 9.08
N GLU A 22 -0.64 -2.41 8.74
CA GLU A 22 -0.10 -1.97 7.46
C GLU A 22 -0.05 -0.45 7.34
N ARG A 23 0.00 0.22 8.49
CA ARG A 23 0.10 1.67 8.55
C ARG A 23 1.55 2.02 8.81
N TYR A 24 2.34 2.08 7.75
CA TYR A 24 3.76 2.17 7.87
C TYR A 24 4.32 3.53 8.21
N ASP A 25 3.62 4.59 7.87
CA ASP A 25 4.08 5.92 8.33
C ASP A 25 3.95 6.07 9.86
N ASP A 26 2.91 5.46 10.44
CA ASP A 26 2.72 5.54 11.89
C ASP A 26 3.89 4.69 12.47
N MET A 27 4.18 3.56 11.85
CA MET A 27 5.22 2.64 12.34
C MET A 27 6.57 3.32 12.33
N ALA A 28 6.83 4.05 11.24
CA ALA A 28 8.07 4.86 11.12
C ALA A 28 8.14 6.01 12.11
N ALA A 29 7.04 6.72 12.33
CA ALA A 29 7.04 7.81 13.34
C ALA A 29 7.31 7.28 14.78
N CYS A 30 6.74 6.13 15.13
CA CYS A 30 7.04 5.52 16.42
C CYS A 30 8.52 5.09 16.55
N MET A 31 9.08 4.45 15.53
CA MET A 31 10.48 4.00 15.63
C MET A 31 11.47 5.12 15.55
N LYS A 32 11.09 6.19 14.87
CA LYS A 32 11.89 7.34 14.84
C LYS A 32 11.97 7.91 16.25
N SER A 33 10.86 7.95 16.99
CA SER A 33 10.94 8.53 18.36
C SER A 33 11.71 7.62 19.29
N VAL A 34 11.58 6.31 19.18
CA VAL A 34 12.38 5.40 19.97
C VAL A 34 13.88 5.70 19.78
N THR A 35 14.32 5.81 18.52
CA THR A 35 15.72 6.11 18.19
C THR A 35 16.21 7.44 18.75
N GLU A 36 15.37 8.48 18.66
CA GLU A 36 15.68 9.83 19.23
C GLU A 36 15.88 9.88 20.77
N GLN A 37 15.41 8.85 21.47
CA GLN A 37 15.70 8.69 22.88
C GLN A 37 17.19 8.45 23.16
N GLY A 38 17.94 7.94 22.20
CA GLY A 38 19.40 8.09 22.30
C GLY A 38 20.03 6.83 22.83
N ALA A 39 19.22 5.80 23.11
CA ALA A 39 19.77 4.55 23.60
C ALA A 39 20.00 3.63 22.39
N GLU A 40 21.03 2.78 22.46
CA GLU A 40 21.26 1.77 21.44
C GLU A 40 20.02 0.89 21.22
N LEU A 41 19.50 0.85 20.00
CA LEU A 41 18.40 -0.06 19.60
C LEU A 41 18.72 -1.55 19.79
N SER A 42 17.79 -2.33 20.35
CA SER A 42 17.88 -3.80 20.39
C SER A 42 17.70 -4.34 18.94
N ASN A 43 18.01 -5.60 18.70
CA ASN A 43 17.94 -6.17 17.40
C ASN A 43 16.51 -6.07 16.89
N GLU A 44 15.57 -6.36 17.76
CA GLU A 44 14.17 -6.25 17.41
C GLU A 44 13.77 -4.83 17.03
N GLU A 45 14.18 -3.81 17.80
CA GLU A 45 13.92 -2.43 17.48
C GLU A 45 14.57 -1.98 16.13
N ARG A 46 15.82 -2.34 15.92
CA ARG A 46 16.53 -2.02 14.70
C ARG A 46 15.74 -2.64 13.51
N ASN A 47 15.21 -3.88 13.63
CA ASN A 47 14.43 -4.52 12.56
C ASN A 47 13.12 -3.80 12.24
N LEU A 48 12.42 -3.38 13.29
CA LEU A 48 11.18 -2.57 13.14
C LEU A 48 11.43 -1.23 12.43
N LEU A 49 12.46 -0.53 12.84
CA LEU A 49 12.73 0.74 12.25
C LEU A 49 13.06 0.48 10.75
N SER A 50 13.78 -0.59 10.47
CA SER A 50 14.21 -0.84 9.11
C SER A 50 13.02 -1.25 8.16
N VAL A 51 12.18 -2.16 8.63
CA VAL A 51 10.95 -2.53 7.95
C VAL A 51 10.04 -1.31 7.73
N ALA A 52 9.90 -0.48 8.74
CA ALA A 52 9.04 0.69 8.60
C ALA A 52 9.51 1.59 7.44
N TYR A 53 10.78 2.03 7.44
CA TYR A 53 11.23 2.96 6.47
C TYR A 53 11.39 2.34 5.08
N LYS A 54 11.73 1.06 5.03
CA LYS A 54 11.77 0.39 3.73
C LYS A 54 10.43 0.48 3.02
N ASN A 55 9.35 0.29 3.77
CA ASN A 55 8.01 0.39 3.18
C ASN A 55 7.55 1.79 2.83
N VAL A 56 7.88 2.75 3.69
CA VAL A 56 7.58 4.15 3.44
C VAL A 56 8.36 4.67 2.18
N VAL A 57 9.65 4.35 2.11
CA VAL A 57 10.42 4.90 1.00
C VAL A 57 10.16 4.09 -0.25
N GLY A 58 9.94 2.77 -0.10
CA GLY A 58 9.68 1.84 -1.23
C GLY A 58 8.41 2.28 -2.00
N ALA A 59 7.36 2.72 -1.26
CA ALA A 59 6.16 3.24 -1.95
C ALA A 59 6.54 4.43 -2.89
N ARG A 60 7.31 5.40 -2.41
CA ARG A 60 7.66 6.56 -3.25
C ARG A 60 8.53 6.18 -4.40
N ARG A 61 9.48 5.28 -4.20
CA ARG A 61 10.41 4.91 -5.26
C ARG A 61 9.61 4.25 -6.36
N SER A 62 8.76 3.30 -5.97
CA SER A 62 7.91 2.64 -6.94
C SER A 62 7.01 3.65 -7.70
N SER A 63 6.35 4.57 -7.02
CA SER A 63 5.61 5.63 -7.73
C SER A 63 6.50 6.50 -8.65
N TRP A 64 7.71 6.82 -8.16
CA TRP A 64 8.61 7.64 -8.95
C TRP A 64 8.90 6.97 -10.27
N ARG A 65 9.09 5.65 -10.24
CA ARG A 65 9.49 4.93 -11.42
C ARG A 65 8.34 4.87 -12.43
N VAL A 66 7.10 4.79 -11.96
CA VAL A 66 5.94 4.77 -12.85
C VAL A 66 5.84 6.11 -13.58
N VAL A 67 5.98 7.18 -12.83
CA VAL A 67 5.67 8.48 -13.29
C VAL A 67 6.81 9.07 -14.16
N SER A 68 8.06 8.72 -13.83
CA SER A 68 9.23 9.01 -14.66
C SER A 68 9.14 8.31 -16.01
N SER A 69 8.71 7.07 -15.98
CA SER A 69 8.60 6.25 -17.16
C SER A 69 7.55 6.83 -18.11
N ILE A 70 6.37 7.15 -17.56
CA ILE A 70 5.34 7.89 -18.30
C ILE A 70 5.82 9.24 -18.85
N GLU A 71 6.62 9.97 -18.08
CA GLU A 71 7.09 11.28 -18.46
C GLU A 71 8.15 11.19 -19.58
N GLN A 72 8.65 9.98 -19.79
CA GLN A 72 9.62 9.73 -20.86
C GLN A 72 8.90 9.28 -22.12
N LYS A 73 8.13 8.21 -22.01
CA LYS A 73 7.34 7.69 -23.12
C LYS A 73 6.43 8.71 -23.87
N THR A 74 6.24 9.90 -23.32
CA THR A 74 5.36 10.89 -23.95
C THR A 74 6.09 11.93 -24.81
N GLU A 75 6.25 11.65 -26.10
CA GLU A 75 6.70 12.66 -27.04
C GLU A 75 5.64 13.75 -26.97
N GLY A 76 6.04 14.90 -26.42
CA GLY A 76 5.12 15.97 -26.11
C GLY A 76 4.27 16.46 -27.27
N ALA A 77 2.98 16.74 -27.02
CA ALA A 77 2.35 16.54 -25.71
C ALA A 77 3.09 17.25 -24.57
N GLU A 78 3.46 18.51 -24.80
CA GLU A 78 4.16 19.30 -23.79
C GLU A 78 3.39 19.35 -22.48
N LYS A 79 2.17 19.88 -22.53
CA LYS A 79 1.33 20.00 -21.34
C LYS A 79 1.35 18.72 -20.52
N LYS A 80 0.86 17.63 -21.11
CA LYS A 80 0.83 16.34 -20.44
C LYS A 80 2.20 15.96 -19.85
N GLN A 81 3.25 16.28 -20.59
CA GLN A 81 4.59 16.02 -20.12
C GLN A 81 4.97 17.01 -19.00
N GLN A 82 4.56 18.29 -19.11
CA GLN A 82 4.79 19.27 -18.05
C GLN A 82 4.22 18.73 -16.73
N MET A 83 3.09 18.06 -16.88
CA MET A 83 2.28 17.72 -15.74
C MET A 83 2.82 16.46 -15.09
N ALA A 84 3.24 15.46 -15.88
CA ALA A 84 4.01 14.32 -15.38
C ALA A 84 5.33 14.77 -14.75
N ARG A 85 6.00 15.75 -15.35
CA ARG A 85 7.26 16.25 -14.80
C ARG A 85 7.01 16.86 -13.44
N GLU A 86 6.05 17.78 -13.35
CA GLU A 86 5.66 18.31 -12.05
C GLU A 86 5.28 17.27 -10.96
N TYR A 87 4.57 16.21 -11.35
CA TYR A 87 4.13 15.19 -10.43
C TYR A 87 5.37 14.40 -9.99
N ARG A 88 6.24 14.10 -10.93
CA ARG A 88 7.49 13.43 -10.67
C ARG A 88 8.31 14.20 -9.66
N GLU A 89 8.31 15.52 -9.79
CA GLU A 89 9.01 16.39 -8.86
C GLU A 89 8.42 16.41 -7.44
N LYS A 90 7.09 16.44 -7.34
CA LYS A 90 6.39 16.38 -6.05
C LYS A 90 6.78 15.04 -5.36
N ILE A 91 6.73 13.94 -6.10
CA ILE A 91 7.13 12.64 -5.57
C ILE A 91 8.59 12.62 -5.07
N GLU A 92 9.54 13.16 -5.87
CA GLU A 92 10.95 13.22 -5.49
C GLU A 92 11.19 13.98 -4.20
N THR A 93 10.45 15.06 -4.03
CA THR A 93 10.54 15.86 -2.83
C THR A 93 10.12 15.03 -1.61
N GLU A 94 9.08 14.20 -1.70
CA GLU A 94 8.76 13.35 -0.56
C GLU A 94 9.81 12.30 -0.39
N LEU A 95 10.29 11.71 -1.49
CA LEU A 95 11.27 10.68 -1.40
C LEU A 95 12.57 11.23 -0.76
N ARG A 96 12.97 12.42 -1.18
CA ARG A 96 14.16 13.06 -0.62
C ARG A 96 14.06 13.33 0.88
N ASP A 97 12.96 13.91 1.30
CA ASP A 97 12.70 14.14 2.70
C ASP A 97 12.73 12.89 3.55
N ILE A 98 12.24 11.77 3.02
CA ILE A 98 12.35 10.53 3.76
C ILE A 98 13.83 10.06 3.92
N CYS A 99 14.57 9.97 2.81
CA CYS A 99 15.94 9.53 2.86
C CYS A 99 16.75 10.44 3.80
N ASN A 100 16.53 11.76 3.72
CA ASN A 100 17.20 12.66 4.65
C ASN A 100 16.83 12.43 6.12
N ASP A 101 15.57 12.15 6.45
CA ASP A 101 15.23 11.75 7.86
C ASP A 101 16.01 10.50 8.24
N VAL A 102 16.03 9.49 7.37
CA VAL A 102 16.70 8.22 7.74
C VAL A 102 18.21 8.49 7.95
N LEU A 103 18.81 9.20 7.00
CA LEU A 103 20.24 9.51 6.97
C LEU A 103 20.68 10.36 8.19
N SER A 104 19.83 11.29 8.61
CA SER A 104 20.03 12.05 9.82
C SER A 104 19.94 11.17 11.12
N LEU A 105 19.02 10.21 11.17
CA LEU A 105 18.99 9.22 12.27
C LEU A 105 20.27 8.40 12.34
N LEU A 106 20.74 7.91 11.18
CA LEU A 106 21.92 7.07 11.15
C LEU A 106 23.16 7.88 11.62
N GLU A 107 23.30 9.11 11.14
CA GLU A 107 24.47 9.97 11.45
C GLU A 107 24.57 10.38 12.91
N LYS A 108 23.43 10.72 13.47
CA LYS A 108 23.31 11.28 14.79
C LYS A 108 23.19 10.19 15.89
N PHE A 109 22.54 9.07 15.57
CA PHE A 109 22.26 8.07 16.59
C PHE A 109 22.57 6.59 16.41
N LEU A 110 22.54 6.10 15.17
CA LEU A 110 22.52 4.66 14.94
C LEU A 110 23.99 4.24 14.75
N ILE A 111 24.70 4.94 13.91
CA ILE A 111 26.07 4.57 13.60
C ILE A 111 26.97 4.88 14.87
N PRO A 112 26.90 6.07 15.46
CA PRO A 112 27.76 6.35 16.66
C PRO A 112 27.52 5.45 17.86
N ASN A 113 26.26 5.05 18.11
CA ASN A 113 25.95 4.14 19.22
C ASN A 113 26.29 2.68 18.98
N ALA A 114 26.61 2.31 17.75
CA ALA A 114 26.61 0.89 17.39
C ALA A 114 27.85 0.28 18.03
N SER A 115 27.62 -0.64 18.95
CA SER A 115 28.67 -1.15 19.82
C SER A 115 29.16 -2.54 19.38
N GLN A 116 28.52 -3.19 18.41
CA GLN A 116 29.01 -4.48 17.88
C GLN A 116 29.22 -4.29 16.36
N ALA A 117 30.19 -5.01 15.78
CA ALA A 117 30.48 -5.01 14.35
C ALA A 117 29.21 -5.35 13.52
N GLU A 118 28.45 -6.33 13.95
CA GLU A 118 27.30 -6.74 13.16
C GLU A 118 26.32 -5.58 13.02
N SER A 119 26.09 -4.84 14.09
CA SER A 119 25.33 -3.60 14.06
C SER A 119 25.89 -2.52 13.22
N LYS A 120 27.17 -2.19 13.43
CA LYS A 120 27.80 -1.14 12.69
C LYS A 120 27.72 -1.45 11.13
N VAL A 121 27.97 -2.69 10.74
CA VAL A 121 27.83 -3.13 9.36
C VAL A 121 26.37 -2.94 8.87
N PHE A 122 25.40 -3.36 9.67
CA PHE A 122 24.02 -3.12 9.30
C PHE A 122 23.71 -1.67 9.03
N TYR A 123 24.19 -0.76 9.87
CA TYR A 123 23.78 0.62 9.71
C TYR A 123 24.57 1.29 8.60
N LEU A 124 25.82 0.89 8.40
CA LEU A 124 26.57 1.53 7.29
C LEU A 124 26.00 1.07 5.93
N LYS A 125 25.58 -0.22 5.83
CA LYS A 125 24.88 -0.75 4.68
C LYS A 125 23.63 0.09 4.42
N MET A 126 22.87 0.36 5.47
CA MET A 126 21.67 1.13 5.31
C MET A 126 22.01 2.52 4.84
N LYS A 127 23.12 3.07 5.36
CA LYS A 127 23.49 4.41 4.89
C LYS A 127 23.84 4.32 3.39
N GLY A 128 24.55 3.28 2.98
CA GLY A 128 24.78 3.12 1.57
C GLY A 128 23.50 3.02 0.79
N ASP A 129 22.47 2.35 1.35
CA ASP A 129 21.24 2.12 0.61
C ASP A 129 20.52 3.42 0.41
N TYR A 130 20.44 4.25 1.44
CA TYR A 130 19.58 5.40 1.35
C TYR A 130 20.26 6.51 0.47
N TYR A 131 21.58 6.59 0.47
CA TYR A 131 22.24 7.50 -0.50
C TYR A 131 22.09 6.93 -1.88
N ARG A 132 22.07 5.61 -2.02
CA ARG A 132 21.77 5.01 -3.31
C ARG A 132 20.38 5.42 -3.79
N TYR A 133 19.39 5.44 -2.91
CA TYR A 133 18.05 5.85 -3.35
C TYR A 133 18.08 7.29 -3.76
N LEU A 134 18.82 8.13 -3.06
CA LEU A 134 18.92 9.53 -3.52
C LEU A 134 19.63 9.63 -4.86
N ALA A 135 20.54 8.70 -5.12
CA ALA A 135 21.33 8.82 -6.33
C ALA A 135 20.44 8.52 -7.53
N GLU A 136 19.46 7.64 -7.33
CA GLU A 136 18.58 7.21 -8.40
C GLU A 136 17.81 8.37 -9.02
N VAL A 137 17.66 9.43 -8.24
CA VAL A 137 16.75 10.49 -8.44
C VAL A 137 17.42 11.90 -8.48
N ALA A 138 18.75 11.93 -8.38
CA ALA A 138 19.48 13.19 -8.38
C ALA A 138 20.48 13.32 -9.53
N ALA A 139 20.53 14.51 -10.14
CA ALA A 139 21.49 14.81 -11.20
C ALA A 139 21.48 16.30 -11.56
N GLY A 140 22.56 16.76 -12.19
CA GLY A 140 23.68 15.89 -12.51
C GLY A 140 24.86 16.50 -11.76
N ASP A 141 24.63 17.74 -11.31
CA ASP A 141 25.55 18.52 -10.47
C ASP A 141 25.77 17.89 -9.10
N ASP A 142 24.66 17.50 -8.45
CA ASP A 142 24.73 16.88 -7.14
C ASP A 142 25.06 15.39 -7.22
N LYS A 143 24.85 14.80 -8.40
CA LYS A 143 24.68 13.36 -8.48
C LYS A 143 25.98 12.72 -8.10
N LYS A 144 27.10 13.28 -8.56
CA LYS A 144 28.41 12.70 -8.28
C LYS A 144 28.77 12.62 -6.80
N GLY A 145 28.49 13.68 -6.04
CA GLY A 145 28.77 13.74 -4.61
C GLY A 145 27.88 12.72 -3.84
N ILE A 146 26.66 12.52 -4.31
CA ILE A 146 25.74 11.52 -3.71
C ILE A 146 26.20 10.11 -3.95
N VAL A 147 26.53 9.76 -5.18
CA VAL A 147 27.06 8.43 -5.52
C VAL A 147 28.32 8.15 -4.72
N ASP A 148 29.17 9.15 -4.57
CA ASP A 148 30.33 8.98 -3.70
C ASP A 148 30.08 8.66 -2.23
N GLN A 149 29.13 9.34 -1.64
CA GLN A 149 28.69 8.98 -0.28
C GLN A 149 28.09 7.60 -0.16
N SER A 150 27.30 7.15 -1.15
CA SER A 150 26.80 5.80 -1.10
C SER A 150 27.98 4.83 -1.11
N GLN A 151 28.92 5.05 -2.02
CA GLN A 151 30.04 4.11 -2.16
C GLN A 151 30.88 3.96 -0.91
N GLN A 152 31.18 5.07 -0.27
CA GLN A 152 32.11 5.05 0.90
C GLN A 152 31.45 4.39 2.15
N ALA A 153 30.13 4.59 2.30
CA ALA A 153 29.36 3.87 3.38
C ALA A 153 29.40 2.39 3.08
N TYR A 154 29.04 1.98 1.85
CA TYR A 154 29.14 0.55 1.53
C TYR A 154 30.55 0.00 1.73
N GLN A 155 31.59 0.77 1.27
CA GLN A 155 32.99 0.26 1.35
C GLN A 155 33.40 0.11 2.82
N GLU A 156 33.04 1.07 3.64
CA GLU A 156 33.43 0.95 5.05
C GLU A 156 32.71 -0.27 5.69
N ALA A 157 31.43 -0.46 5.34
CA ALA A 157 30.70 -1.64 5.86
C ALA A 157 31.38 -2.91 5.41
N PHE A 158 31.78 -2.92 4.12
CA PHE A 158 32.39 -4.09 3.51
C PHE A 158 33.71 -4.49 4.21
N GLU A 159 34.52 -3.49 4.55
CA GLU A 159 35.85 -3.81 5.27
C GLU A 159 35.69 -4.32 6.68
N ILE A 160 34.74 -3.71 7.41
CA ILE A 160 34.38 -4.28 8.72
C ILE A 160 33.89 -5.71 8.60
N SER A 161 32.95 -5.97 7.69
CA SER A 161 32.35 -7.32 7.73
C SER A 161 33.36 -8.37 7.32
N LYS A 162 34.26 -8.02 6.38
CA LYS A 162 35.28 -8.97 5.92
C LYS A 162 36.26 -9.28 7.10
N LYS A 163 36.57 -8.27 7.92
CA LYS A 163 37.44 -8.42 9.09
C LYS A 163 36.73 -9.17 10.23
N GLU A 164 35.46 -8.87 10.50
CA GLU A 164 34.81 -9.33 11.74
C GLU A 164 33.74 -10.39 11.65
N MET A 165 33.20 -10.68 10.46
CA MET A 165 32.01 -11.57 10.37
C MET A 165 32.30 -12.77 9.51
N GLN A 166 31.61 -13.89 9.73
CA GLN A 166 31.82 -15.08 8.89
C GLN A 166 31.24 -14.82 7.49
N PRO A 167 31.74 -15.50 6.44
CA PRO A 167 31.21 -15.25 5.08
C PRO A 167 29.73 -15.65 4.90
N THR A 168 29.21 -16.52 5.76
CA THR A 168 27.80 -16.89 5.70
C THR A 168 26.91 -16.02 6.54
N HIS A 169 27.46 -15.04 7.27
CA HIS A 169 26.56 -14.22 8.08
C HIS A 169 25.57 -13.49 7.16
N PRO A 170 24.24 -13.54 7.45
CA PRO A 170 23.31 -12.99 6.47
C PRO A 170 23.52 -11.52 6.25
N ILE A 171 24.12 -10.83 7.21
CA ILE A 171 24.40 -9.41 7.09
C ILE A 171 25.49 -9.18 6.04
N ARG A 172 26.64 -9.83 6.23
CA ARG A 172 27.73 -9.73 5.27
C ARG A 172 27.23 -10.06 3.88
N LEU A 173 26.46 -11.13 3.76
CA LEU A 173 25.87 -11.53 2.49
C LEU A 173 24.89 -10.49 1.92
N GLY A 174 24.04 -9.90 2.79
CA GLY A 174 23.08 -8.93 2.31
C GLY A 174 23.80 -7.67 1.82
N LEU A 175 24.85 -7.33 2.53
CA LEU A 175 25.62 -6.16 2.09
C LEU A 175 26.25 -6.43 0.71
N ALA A 176 26.75 -7.65 0.48
CA ALA A 176 27.42 -7.96 -0.79
C ALA A 176 26.39 -7.89 -1.93
N LEU A 177 25.19 -8.40 -1.63
CA LEU A 177 24.04 -8.24 -2.57
C LEU A 177 23.78 -6.78 -2.93
N ASN A 178 23.53 -5.93 -1.93
CA ASN A 178 23.21 -4.57 -2.26
C ASN A 178 24.40 -3.74 -2.89
N PHE A 179 25.62 -3.99 -2.45
CA PHE A 179 26.80 -3.21 -2.95
C PHE A 179 27.02 -3.64 -4.43
N SER A 180 26.96 -4.95 -4.73
CA SER A 180 27.07 -5.43 -6.11
C SER A 180 25.97 -4.82 -7.01
N VAL A 181 24.79 -4.59 -6.47
CA VAL A 181 23.74 -3.94 -7.26
C VAL A 181 24.07 -2.44 -7.45
N PHE A 182 24.55 -1.79 -6.40
CA PHE A 182 25.05 -0.45 -6.56
C PHE A 182 26.13 -0.33 -7.74
N TYR A 183 27.03 -1.29 -7.85
CA TYR A 183 28.04 -1.26 -8.94
C TYR A 183 27.35 -1.45 -10.23
N TYR A 184 26.40 -2.38 -10.28
CA TYR A 184 25.69 -2.65 -11.54
C TYR A 184 24.85 -1.49 -12.02
N GLU A 185 23.99 -1.01 -11.14
CA GLU A 185 22.96 -0.10 -11.55
C GLU A 185 23.40 1.31 -11.39
N ILE A 186 24.16 1.64 -10.36
CA ILE A 186 24.42 3.08 -10.15
C ILE A 186 25.76 3.50 -10.81
N LEU A 187 26.78 2.67 -10.77
CA LEU A 187 28.10 3.04 -11.35
C LEU A 187 28.34 2.38 -12.71
N ASN A 188 27.33 1.73 -13.27
CA ASN A 188 27.39 1.09 -14.57
C ASN A 188 28.62 0.26 -14.79
N SER A 189 29.11 -0.39 -13.74
CA SER A 189 30.28 -1.25 -13.84
C SER A 189 29.70 -2.63 -13.58
N PRO A 190 29.58 -3.41 -14.66
CA PRO A 190 29.00 -4.74 -14.59
C PRO A 190 30.05 -5.80 -14.31
N GLU A 191 31.33 -5.47 -14.35
CA GLU A 191 32.33 -6.56 -14.06
C GLU A 191 32.69 -6.53 -12.59
N LYS A 192 32.72 -5.34 -12.07
CA LYS A 192 33.00 -5.20 -10.65
C LYS A 192 31.73 -5.81 -9.86
N ALA A 193 30.52 -5.57 -10.36
CA ALA A 193 29.28 -6.14 -9.72
C ALA A 193 29.38 -7.62 -9.68
N CYS A 194 29.63 -8.22 -10.86
CA CYS A 194 29.80 -9.66 -10.94
C CYS A 194 30.87 -10.16 -10.05
N SER A 195 32.02 -9.50 -10.01
CA SER A 195 33.05 -10.24 -9.25
C SER A 195 32.86 -10.04 -7.72
N LEU A 196 32.34 -8.90 -7.30
CA LEU A 196 31.93 -8.75 -5.87
C LEU A 196 30.88 -9.85 -5.49
N ALA A 197 29.85 -10.02 -6.31
CA ALA A 197 28.76 -11.01 -6.00
C ALA A 197 29.28 -12.45 -6.00
N LYS A 198 30.05 -12.78 -7.04
CA LYS A 198 30.63 -14.11 -7.11
C LYS A 198 31.61 -14.45 -5.96
N THR A 199 32.49 -13.51 -5.60
CA THR A 199 33.44 -13.75 -4.49
C THR A 199 32.65 -13.97 -3.17
N ALA A 200 31.63 -13.17 -2.95
CA ALA A 200 30.85 -13.40 -1.68
C ALA A 200 30.09 -14.74 -1.72
N PHE A 201 29.54 -15.10 -2.89
CA PHE A 201 28.94 -16.44 -3.05
C PHE A 201 29.97 -17.53 -2.76
N ASP A 202 31.12 -17.50 -3.47
CA ASP A 202 32.15 -18.59 -3.30
C ASP A 202 32.72 -18.68 -1.90
N GLU A 203 32.89 -17.54 -1.25
CA GLU A 203 33.45 -17.60 0.10
C GLU A 203 32.47 -18.21 1.08
N ALA A 204 31.19 -17.99 0.85
CA ALA A 204 30.16 -18.62 1.74
C ALA A 204 30.12 -20.15 1.52
N ILE A 205 30.20 -20.58 0.26
CA ILE A 205 30.26 -22.03 -0.11
C ILE A 205 31.46 -22.70 0.56
N ALA A 206 32.59 -22.02 0.53
CA ALA A 206 33.79 -22.61 1.08
C ALA A 206 33.71 -22.70 2.62
N GLU A 207 32.94 -21.86 3.28
CA GLU A 207 32.90 -21.91 4.74
C GLU A 207 31.41 -22.04 4.92
N LEU A 208 30.93 -23.27 4.78
CA LEU A 208 29.64 -23.78 5.22
C LEU A 208 29.53 -24.15 6.70
N ASP A 209 30.49 -24.94 7.16
CA ASP A 209 30.51 -25.38 8.55
C ASP A 209 30.23 -24.21 9.51
N THR A 210 30.54 -23.00 9.05
CA THR A 210 30.30 -21.76 9.88
C THR A 210 28.84 -21.25 9.91
N LEU A 211 27.89 -22.11 9.55
CA LEU A 211 26.48 -21.81 9.58
C LEU A 211 26.01 -22.23 10.96
N SER A 212 24.95 -21.61 11.48
CA SER A 212 24.28 -22.16 12.65
C SER A 212 22.77 -22.29 12.44
N GLU A 213 22.16 -23.26 13.13
CA GLU A 213 20.70 -23.47 13.16
C GLU A 213 19.89 -22.15 13.21
N GLU A 214 20.40 -21.17 13.97
CA GLU A 214 19.81 -19.81 14.10
C GLU A 214 19.34 -19.19 12.75
N SER A 215 20.26 -19.18 11.79
CA SER A 215 20.12 -18.40 10.56
C SER A 215 20.49 -19.06 9.22
N TYR A 216 20.98 -20.26 9.18
CA TYR A 216 21.34 -20.91 7.91
C TYR A 216 20.32 -20.75 6.78
N LYS A 217 19.06 -20.58 7.18
CA LYS A 217 17.95 -20.45 6.24
C LYS A 217 18.07 -19.11 5.55
N ASP A 218 18.36 -18.08 6.35
CA ASP A 218 18.59 -16.77 5.79
C ASP A 218 19.84 -16.72 4.90
N SER A 219 20.91 -17.38 5.32
CA SER A 219 22.18 -17.32 4.60
C SER A 219 21.95 -17.87 3.19
N THR A 220 21.29 -18.99 3.10
CA THR A 220 21.21 -19.73 1.85
C THR A 220 20.26 -19.06 0.83
N LEU A 221 19.24 -18.41 1.38
CA LEU A 221 18.32 -17.62 0.58
C LEU A 221 19.03 -16.41 -0.05
N ILE A 222 19.84 -15.69 0.70
CA ILE A 222 20.58 -14.56 0.10
C ILE A 222 21.63 -15.06 -0.88
N MET A 223 22.25 -16.20 -0.60
CA MET A 223 23.23 -16.77 -1.59
C MET A 223 22.53 -17.04 -2.92
N GLN A 224 21.30 -17.60 -2.86
CA GLN A 224 20.55 -17.89 -4.06
C GLN A 224 20.24 -16.56 -4.77
N LEU A 225 19.89 -15.51 -4.05
CA LEU A 225 19.74 -14.18 -4.71
C LEU A 225 21.01 -13.63 -5.35
N LEU A 226 22.16 -13.88 -4.74
CA LEU A 226 23.39 -13.41 -5.33
C LEU A 226 23.63 -14.10 -6.66
N ARG A 227 23.41 -15.41 -6.68
CA ARG A 227 23.65 -16.21 -7.84
C ARG A 227 22.58 -15.92 -8.93
N ASP A 228 21.32 -15.71 -8.56
CA ASP A 228 20.36 -15.12 -9.53
C ASP A 228 20.87 -13.85 -10.25
N ASN A 229 21.45 -12.89 -9.54
CA ASN A 229 21.93 -11.70 -10.20
C ASN A 229 23.08 -11.99 -11.12
N LEU A 230 23.93 -12.90 -10.72
CA LEU A 230 25.06 -13.28 -11.50
C LEU A 230 24.58 -13.86 -12.80
N THR A 231 23.56 -14.72 -12.75
CA THR A 231 23.03 -15.36 -13.98
C THR A 231 22.29 -14.33 -14.85
N LEU A 232 21.52 -13.42 -14.25
CA LEU A 232 20.95 -12.28 -14.98
C LEU A 232 22.06 -11.47 -15.67
N TRP A 233 23.07 -11.02 -14.92
CA TRP A 233 24.14 -10.17 -15.48
C TRP A 233 25.06 -10.86 -16.51
N THR A 234 25.15 -12.17 -16.44
CA THR A 234 26.04 -12.96 -17.28
C THR A 234 25.39 -13.32 -18.61
N SER A 235 24.17 -13.88 -18.52
CA SER A 235 23.42 -14.48 -19.64
C SER A 235 24.21 -15.50 -20.50
N MET B 6 -6.45 25.28 -12.18
CA MET B 6 -6.58 23.90 -12.76
C MET B 6 -8.00 23.53 -13.25
N ASP B 7 -8.13 23.18 -14.54
CA ASP B 7 -9.46 22.81 -15.12
C ASP B 7 -9.81 21.30 -15.10
N LYS B 8 -11.07 20.99 -15.46
CA LYS B 8 -11.66 19.63 -15.32
C LYS B 8 -10.76 18.66 -16.01
N ASN B 9 -10.33 19.02 -17.21
CA ASN B 9 -9.51 18.13 -18.02
C ASN B 9 -8.18 17.75 -17.42
N GLU B 10 -7.48 18.74 -16.89
CA GLU B 10 -6.22 18.49 -16.21
C GLU B 10 -6.40 17.77 -14.87
N LEU B 11 -7.47 18.09 -14.12
CA LEU B 11 -7.73 17.35 -12.87
C LEU B 11 -7.94 15.87 -13.18
N VAL B 12 -8.66 15.58 -14.26
CA VAL B 12 -8.90 14.19 -14.67
C VAL B 12 -7.64 13.48 -15.10
N GLN B 13 -6.80 14.16 -15.89
CA GLN B 13 -5.49 13.56 -16.28
C GLN B 13 -4.59 13.36 -15.04
N LYS B 14 -4.57 14.33 -14.13
CA LYS B 14 -3.79 14.14 -12.87
C LYS B 14 -4.31 12.92 -12.08
N ALA B 15 -5.63 12.71 -12.08
CA ALA B 15 -6.23 11.59 -11.37
C ALA B 15 -5.76 10.26 -11.95
N LYS B 16 -5.71 10.17 -13.28
CA LYS B 16 -5.22 8.96 -13.95
C LYS B 16 -3.70 8.75 -13.71
N LEU B 17 -2.94 9.81 -13.58
CA LEU B 17 -1.53 9.69 -13.15
C LEU B 17 -1.35 9.11 -11.73
N ALA B 18 -2.01 9.73 -10.76
CA ALA B 18 -2.16 9.21 -9.40
C ALA B 18 -2.57 7.76 -9.41
N GLU B 19 -3.57 7.40 -10.19
CA GLU B 19 -3.98 6.00 -10.17
C GLU B 19 -2.82 5.12 -10.52
N GLN B 20 -2.06 5.49 -11.57
CA GLN B 20 -1.05 4.56 -12.03
C GLN B 20 0.12 4.56 -11.06
N ALA B 21 0.40 5.68 -10.44
CA ALA B 21 1.39 5.74 -9.33
C ALA B 21 0.91 5.03 -8.01
N GLU B 22 -0.32 4.55 -8.01
CA GLU B 22 -0.91 3.96 -6.81
C GLU B 22 -1.07 4.96 -5.64
N ARG B 23 -1.09 6.25 -5.95
CA ARG B 23 -1.29 7.28 -4.96
C ARG B 23 -2.78 7.70 -4.80
N TYR B 24 -3.51 6.87 -4.08
CA TYR B 24 -4.98 6.94 -4.06
C TYR B 24 -5.52 8.14 -3.32
N ASP B 25 -4.84 8.63 -2.27
CA ASP B 25 -5.23 9.91 -1.69
C ASP B 25 -5.23 11.12 -2.70
N ASP B 26 -4.18 11.26 -3.48
CA ASP B 26 -4.11 12.31 -4.52
C ASP B 26 -5.26 12.08 -5.51
N MET B 27 -5.47 10.83 -5.93
CA MET B 27 -6.49 10.52 -6.93
C MET B 27 -7.88 10.98 -6.44
N ALA B 28 -8.22 10.67 -5.18
CA ALA B 28 -9.45 11.08 -4.56
C ALA B 28 -9.60 12.60 -4.49
N ALA B 29 -8.56 13.34 -4.08
CA ALA B 29 -8.68 14.80 -4.02
C ALA B 29 -8.88 15.37 -5.45
N CYS B 30 -8.25 14.79 -6.45
CA CYS B 30 -8.49 15.23 -7.81
C CYS B 30 -9.97 15.03 -8.23
N MET B 31 -10.47 13.82 -8.04
CA MET B 31 -11.86 13.52 -8.44
C MET B 31 -12.92 14.25 -7.60
N LYS B 32 -12.61 14.49 -6.33
CA LYS B 32 -13.50 15.26 -5.49
C LYS B 32 -13.61 16.68 -6.07
N SER B 33 -12.48 17.28 -6.40
CA SER B 33 -12.66 18.64 -6.90
C SER B 33 -13.20 18.65 -8.35
N VAL B 34 -13.01 17.59 -9.10
CA VAL B 34 -13.80 17.52 -10.31
C VAL B 34 -15.31 17.57 -9.95
N THR B 35 -15.72 16.81 -8.95
CA THR B 35 -17.13 16.65 -8.65
C THR B 35 -17.69 17.98 -8.10
N GLU B 36 -16.88 18.74 -7.36
CA GLU B 36 -17.32 20.03 -6.81
C GLU B 36 -17.53 21.15 -7.85
N GLN B 37 -17.04 20.97 -9.08
CA GLN B 37 -17.39 21.89 -10.13
C GLN B 37 -18.90 21.88 -10.43
N GLY B 38 -19.56 20.78 -10.09
CA GLY B 38 -21.04 20.71 -10.08
C GLY B 38 -21.69 20.22 -11.37
N ALA B 39 -20.92 19.77 -12.35
CA ALA B 39 -21.52 19.27 -13.59
C ALA B 39 -21.56 17.75 -13.48
N GLU B 40 -22.59 17.15 -14.09
CA GLU B 40 -22.75 15.71 -14.16
C GLU B 40 -21.48 14.99 -14.69
N LEU B 41 -21.01 14.01 -13.93
CA LEU B 41 -19.84 13.21 -14.24
C LEU B 41 -20.09 12.30 -15.43
N SER B 42 -19.13 12.15 -16.37
CA SER B 42 -19.14 11.08 -17.36
C SER B 42 -18.92 9.71 -16.72
N ASN B 43 -19.25 8.68 -17.48
CA ASN B 43 -18.84 7.37 -17.08
C ASN B 43 -17.36 7.21 -16.60
N GLU B 44 -16.42 7.56 -17.45
CA GLU B 44 -15.03 7.47 -17.03
C GLU B 44 -14.76 8.31 -15.76
N GLU B 45 -15.38 9.48 -15.68
CA GLU B 45 -15.23 10.35 -14.51
C GLU B 45 -15.83 9.71 -13.27
N ARG B 46 -17.01 9.13 -13.42
CA ARG B 46 -17.70 8.48 -12.30
C ARG B 46 -16.91 7.26 -11.83
N ASN B 47 -16.27 6.57 -12.77
CA ASN B 47 -15.47 5.39 -12.45
C ASN B 47 -14.23 5.73 -11.64
N LEU B 48 -13.51 6.76 -12.08
CA LEU B 48 -12.29 7.20 -11.38
C LEU B 48 -12.55 7.59 -9.91
N LEU B 49 -13.56 8.42 -9.65
CA LEU B 49 -13.94 8.80 -8.33
C LEU B 49 -14.19 7.51 -7.46
N SER B 50 -14.95 6.58 -8.02
CA SER B 50 -15.35 5.38 -7.30
C SER B 50 -14.10 4.56 -6.93
N VAL B 51 -13.15 4.45 -7.88
CA VAL B 51 -11.95 3.64 -7.70
C VAL B 51 -11.07 4.30 -6.63
N ALA B 52 -10.95 5.61 -6.71
CA ALA B 52 -10.15 6.34 -5.75
C ALA B 52 -10.59 6.14 -4.29
N TYR B 53 -11.87 6.38 -4.02
CA TYR B 53 -12.41 6.31 -2.68
C TYR B 53 -12.53 4.88 -2.17
N LYS B 54 -12.77 3.95 -3.06
CA LYS B 54 -12.82 2.56 -2.59
C LYS B 54 -11.42 2.12 -2.08
N ASN B 55 -10.33 2.55 -2.75
CA ASN B 55 -8.98 2.32 -2.18
C ASN B 55 -8.67 3.07 -0.89
N VAL B 56 -9.05 4.33 -0.79
CA VAL B 56 -8.84 5.17 0.41
C VAL B 56 -9.58 4.56 1.61
N VAL B 57 -10.88 4.35 1.45
CA VAL B 57 -11.71 3.77 2.50
C VAL B 57 -11.43 2.27 2.68
N GLY B 58 -10.90 1.63 1.65
CA GLY B 58 -10.61 0.15 1.75
C GLY B 58 -9.46 -0.06 2.72
N ALA B 59 -8.44 0.79 2.63
CA ALA B 59 -7.27 0.62 3.50
C ALA B 59 -7.64 0.80 5.01
N ARG B 60 -8.42 1.83 5.35
CA ARG B 60 -8.92 2.01 6.75
C ARG B 60 -9.77 0.86 7.22
N ARG B 61 -10.65 0.38 6.35
CA ARG B 61 -11.45 -0.77 6.71
C ARG B 61 -10.58 -1.96 7.11
N SER B 62 -9.61 -2.29 6.26
CA SER B 62 -8.76 -3.45 6.52
C SER B 62 -7.88 -3.25 7.82
N SER B 63 -7.26 -2.09 8.00
CA SER B 63 -6.60 -1.78 9.28
C SER B 63 -7.57 -1.86 10.51
N TRP B 64 -8.75 -1.26 10.42
CA TRP B 64 -9.78 -1.40 11.47
C TRP B 64 -10.02 -2.81 11.89
N ARG B 65 -10.18 -3.68 10.93
CA ARG B 65 -10.40 -5.08 11.28
C ARG B 65 -9.23 -5.74 11.97
N VAL B 66 -7.99 -5.47 11.52
CA VAL B 66 -6.82 -6.02 12.20
C VAL B 66 -6.78 -5.51 13.67
N VAL B 67 -6.88 -4.21 13.89
CA VAL B 67 -6.64 -3.67 15.19
C VAL B 67 -7.81 -3.98 16.15
N SER B 68 -9.01 -4.27 15.62
CA SER B 68 -10.13 -4.55 16.51
C SER B 68 -10.06 -6.03 16.85
N SER B 69 -9.68 -6.89 15.91
CA SER B 69 -9.44 -8.27 16.30
C SER B 69 -8.41 -8.35 17.45
N ILE B 70 -7.21 -7.79 17.25
CA ILE B 70 -6.19 -7.70 18.34
C ILE B 70 -6.75 -7.17 19.67
N GLU B 71 -7.56 -6.13 19.62
CA GLU B 71 -8.14 -5.58 20.84
C GLU B 71 -9.13 -6.54 21.52
N GLN B 72 -9.86 -7.32 20.72
CA GLN B 72 -10.77 -8.35 21.23
C GLN B 72 -10.02 -9.55 21.86
N LYS B 73 -8.93 -9.99 21.26
CA LYS B 73 -8.21 -11.18 21.74
C LYS B 73 -7.08 -10.91 22.79
N THR B 74 -7.13 -9.79 23.51
CA THR B 74 -6.14 -9.53 24.59
C THR B 74 -6.67 -9.61 26.03
N GLU B 75 -6.01 -10.43 26.86
CA GLU B 75 -6.32 -10.57 28.31
C GLU B 75 -5.09 -10.40 29.25
N GLU B 78 -4.43 -6.58 29.64
CA GLU B 78 -3.41 -5.61 30.03
C GLU B 78 -3.75 -4.11 29.82
N LYS B 79 -2.70 -3.29 29.73
CA LYS B 79 -2.75 -1.93 29.20
C LYS B 79 -2.54 -1.96 27.67
N LYS B 80 -2.20 -3.16 27.15
CA LYS B 80 -2.04 -3.49 25.72
C LYS B 80 -3.41 -3.29 25.05
N GLN B 81 -4.45 -3.68 25.79
CA GLN B 81 -5.85 -3.56 25.37
C GLN B 81 -6.29 -2.12 25.16
N GLN B 82 -6.02 -1.24 26.13
CA GLN B 82 -6.29 0.18 26.03
C GLN B 82 -5.60 0.87 24.82
N MET B 83 -4.43 0.35 24.46
CA MET B 83 -3.64 0.94 23.34
C MET B 83 -4.30 0.58 21.99
N ALA B 84 -4.60 -0.69 21.84
CA ALA B 84 -5.27 -1.23 20.72
C ALA B 84 -6.65 -0.50 20.57
N ARG B 85 -7.39 -0.38 21.66
CA ARG B 85 -8.64 0.38 21.69
C ARG B 85 -8.43 1.79 21.21
N GLU B 86 -7.44 2.51 21.73
CA GLU B 86 -7.26 3.90 21.25
C GLU B 86 -6.73 4.01 19.77
N TYR B 87 -6.05 2.97 19.26
CA TYR B 87 -5.57 2.98 17.87
C TYR B 87 -6.80 2.72 16.98
N ARG B 88 -7.59 1.71 17.30
CA ARG B 88 -8.88 1.48 16.67
C ARG B 88 -9.76 2.74 16.51
N GLU B 89 -9.87 3.54 17.57
CA GLU B 89 -10.68 4.72 17.56
C GLU B 89 -10.13 5.79 16.64
N LYS B 90 -8.82 5.87 16.60
CA LYS B 90 -8.21 6.82 15.74
C LYS B 90 -8.47 6.35 14.27
N ILE B 91 -8.37 5.05 13.99
CA ILE B 91 -8.61 4.54 12.63
C ILE B 91 -10.06 4.80 12.25
N GLU B 92 -11.02 4.56 13.19
CA GLU B 92 -12.43 4.78 12.98
C GLU B 92 -12.71 6.19 12.61
N THR B 93 -12.07 7.15 13.26
CA THR B 93 -12.38 8.50 12.91
C THR B 93 -11.85 8.91 11.55
N GLU B 94 -10.69 8.41 11.14
CA GLU B 94 -10.32 8.61 9.72
C GLU B 94 -11.40 7.98 8.76
N LEU B 95 -11.85 6.80 9.11
CA LEU B 95 -12.79 6.04 8.29
C LEU B 95 -14.10 6.83 8.20
N ARG B 96 -14.55 7.36 9.33
CA ARG B 96 -15.77 8.19 9.35
C ARG B 96 -15.68 9.44 8.51
N ASP B 97 -14.55 10.14 8.61
CA ASP B 97 -14.34 11.36 7.82
C ASP B 97 -14.36 11.09 6.32
N ILE B 98 -13.83 9.94 5.90
CA ILE B 98 -13.81 9.61 4.47
C ILE B 98 -15.25 9.28 3.97
N CYS B 99 -15.95 8.39 4.69
CA CYS B 99 -17.35 8.11 4.42
C CYS B 99 -18.21 9.35 4.35
N ASN B 100 -18.05 10.29 5.27
CA ASN B 100 -18.90 11.47 5.32
C ASN B 100 -18.53 12.38 4.15
N ASP B 101 -17.25 12.42 3.77
CA ASP B 101 -16.88 13.16 2.56
C ASP B 101 -17.63 12.63 1.34
N VAL B 102 -17.64 11.31 1.15
CA VAL B 102 -18.26 10.65 -0.01
C VAL B 102 -19.79 10.79 0.01
N LEU B 103 -20.40 10.59 1.19
CA LEU B 103 -21.84 10.75 1.32
C LEU B 103 -22.29 12.15 1.02
N SER B 104 -21.47 13.11 1.39
CA SER B 104 -21.77 14.47 1.10
C SER B 104 -21.68 14.83 -0.41
N LEU B 105 -20.73 14.26 -1.14
CA LEU B 105 -20.63 14.44 -2.60
C LEU B 105 -21.84 13.82 -3.20
N LEU B 106 -22.19 12.68 -2.63
CA LEU B 106 -23.35 11.99 -3.16
C LEU B 106 -24.66 12.82 -2.99
N GLU B 107 -24.85 13.44 -1.82
CA GLU B 107 -26.09 14.15 -1.53
C GLU B 107 -26.19 15.55 -2.17
N LYS B 108 -25.07 16.13 -2.49
CA LYS B 108 -25.04 17.47 -3.02
C LYS B 108 -24.90 17.52 -4.51
N PHE B 109 -24.29 16.50 -5.14
CA PHE B 109 -24.00 16.65 -6.57
C PHE B 109 -24.15 15.45 -7.51
N LEU B 110 -24.10 14.23 -6.99
CA LEU B 110 -24.01 13.07 -7.83
C LEU B 110 -25.41 12.58 -7.97
N ILE B 111 -26.11 12.41 -6.88
CA ILE B 111 -27.45 11.89 -6.96
C ILE B 111 -28.40 12.90 -7.67
N PRO B 112 -28.41 14.17 -7.26
CA PRO B 112 -29.26 15.17 -7.95
C PRO B 112 -28.94 15.34 -9.46
N ASN B 113 -27.67 15.37 -9.87
CA ASN B 113 -27.31 15.47 -11.29
C ASN B 113 -27.55 14.22 -12.14
N ALA B 114 -27.93 13.08 -11.55
CA ALA B 114 -27.90 11.89 -12.39
C ALA B 114 -29.07 11.86 -13.32
N SER B 115 -28.79 11.88 -14.62
CA SER B 115 -29.87 12.05 -15.62
C SER B 115 -30.36 10.75 -16.21
N GLN B 116 -29.67 9.63 -15.93
CA GLN B 116 -30.05 8.32 -16.50
C GLN B 116 -30.23 7.29 -15.36
N ALA B 117 -30.93 6.22 -15.64
CA ALA B 117 -31.26 5.25 -14.63
C ALA B 117 -30.03 4.49 -14.12
N GLU B 118 -29.21 4.01 -15.05
CA GLU B 118 -27.93 3.41 -14.79
C GLU B 118 -27.06 4.18 -13.78
N SER B 119 -26.98 5.50 -13.97
CA SER B 119 -26.29 6.41 -13.10
C SER B 119 -26.97 6.60 -11.76
N LYS B 120 -28.30 6.70 -11.75
CA LYS B 120 -29.00 6.84 -10.48
C LYS B 120 -28.68 5.57 -9.63
N VAL B 121 -28.79 4.39 -10.24
CA VAL B 121 -28.54 3.11 -9.57
C VAL B 121 -27.08 3.05 -9.08
N PHE B 122 -26.13 3.38 -9.94
CA PHE B 122 -24.70 3.40 -9.48
C PHE B 122 -24.52 4.21 -8.21
N TYR B 123 -25.03 5.43 -8.17
CA TYR B 123 -24.80 6.31 -7.05
C TYR B 123 -25.63 5.96 -5.80
N LEU B 124 -26.83 5.42 -5.99
CA LEU B 124 -27.59 4.89 -4.81
C LEU B 124 -26.91 3.66 -4.19
N LYS B 125 -26.37 2.79 -5.05
CA LYS B 125 -25.56 1.69 -4.58
C LYS B 125 -24.41 2.23 -3.74
N MET B 126 -23.75 3.25 -4.24
CA MET B 126 -22.57 3.71 -3.61
C MET B 126 -22.96 4.30 -2.23
N LYS B 127 -24.11 4.98 -2.15
CA LYS B 127 -24.59 5.56 -0.90
C LYS B 127 -24.88 4.42 0.08
N GLY B 128 -25.51 3.38 -0.43
CA GLY B 128 -25.65 2.15 0.32
C GLY B 128 -24.33 1.65 0.90
N ASP B 129 -23.28 1.56 0.05
CA ASP B 129 -22.03 0.99 0.51
C ASP B 129 -21.47 1.84 1.58
N TYR B 130 -21.50 3.20 1.42
CA TYR B 130 -20.77 4.04 2.36
C TYR B 130 -21.47 4.14 3.71
N TYR B 131 -22.83 4.12 3.75
CA TYR B 131 -23.55 3.85 5.02
C TYR B 131 -23.30 2.47 5.57
N ARG B 132 -23.15 1.45 4.72
CA ARG B 132 -22.80 0.15 5.22
C ARG B 132 -21.43 0.16 5.94
N TYR B 133 -20.46 0.90 5.43
CA TYR B 133 -19.12 0.96 6.12
C TYR B 133 -19.24 1.68 7.46
N LEU B 134 -19.98 2.78 7.50
CA LEU B 134 -20.30 3.42 8.79
C LEU B 134 -20.97 2.44 9.72
N ALA B 135 -21.85 1.61 9.17
CA ALA B 135 -22.56 0.69 10.08
C ALA B 135 -21.57 -0.29 10.75
N GLU B 136 -20.57 -0.78 10.00
CA GLU B 136 -19.56 -1.74 10.53
C GLU B 136 -18.83 -1.27 11.81
N VAL B 137 -18.75 0.04 11.99
CA VAL B 137 -18.01 0.62 13.11
C VAL B 137 -18.86 1.57 13.94
N ALA B 138 -20.18 1.46 13.81
CA ALA B 138 -21.08 2.30 14.58
C ALA B 138 -22.08 1.45 15.37
N ALA B 139 -21.56 0.63 16.27
CA ALA B 139 -22.41 -0.23 17.10
C ALA B 139 -23.15 0.58 18.16
N GLY B 140 -22.85 1.86 18.23
CA GLY B 140 -23.47 2.74 19.20
C GLY B 140 -24.97 2.88 18.97
N ASP B 141 -25.62 3.70 19.80
CA ASP B 141 -27.05 3.92 19.70
C ASP B 141 -27.40 4.58 18.37
N ASP B 142 -26.39 4.91 17.58
CA ASP B 142 -26.59 5.53 16.28
C ASP B 142 -26.56 4.50 15.15
N LYS B 143 -26.38 3.24 15.52
CA LYS B 143 -26.31 2.17 14.57
C LYS B 143 -27.61 1.89 13.83
N LYS B 144 -28.73 2.01 14.49
CA LYS B 144 -30.02 1.64 13.88
C LYS B 144 -30.33 2.64 12.77
N GLY B 145 -30.15 3.94 13.04
CA GLY B 145 -30.38 4.95 12.01
C GLY B 145 -29.39 4.85 10.83
N ILE B 146 -28.14 4.41 11.09
CA ILE B 146 -27.14 4.25 10.00
C ILE B 146 -27.54 3.08 9.14
N VAL B 147 -27.88 1.95 9.73
CA VAL B 147 -28.26 0.76 9.00
C VAL B 147 -29.49 1.04 8.15
N ASP B 148 -30.35 1.90 8.66
CA ASP B 148 -31.55 2.15 7.90
C ASP B 148 -31.26 3.11 6.73
N GLN B 149 -30.30 4.01 6.87
CA GLN B 149 -29.90 4.81 5.72
C GLN B 149 -29.28 3.92 4.64
N SER B 150 -28.51 2.91 5.04
CA SER B 150 -27.93 2.01 4.09
C SER B 150 -28.99 1.24 3.36
N GLN B 151 -29.91 0.62 4.10
CA GLN B 151 -30.95 -0.23 3.53
C GLN B 151 -31.85 0.48 2.55
N GLN B 152 -32.18 1.73 2.83
CA GLN B 152 -33.09 2.48 1.98
C GLN B 152 -32.40 2.94 0.69
N ALA B 153 -31.09 3.23 0.74
CA ALA B 153 -30.42 3.58 -0.55
C ALA B 153 -30.36 2.33 -1.41
N TYR B 154 -29.91 1.20 -0.85
CA TYR B 154 -29.87 -0.03 -1.63
C TYR B 154 -31.22 -0.41 -2.17
N GLN B 155 -32.26 -0.29 -1.32
CA GLN B 155 -33.61 -0.72 -1.72
C GLN B 155 -34.14 0.06 -2.94
N GLU B 156 -34.01 1.36 -2.90
CA GLU B 156 -34.39 2.21 -4.07
C GLU B 156 -33.49 1.87 -5.33
N ALA B 157 -32.18 1.65 -5.11
CA ALA B 157 -31.30 1.23 -6.23
C ALA B 157 -31.91 -0.02 -6.82
N PHE B 158 -32.33 -0.92 -5.92
CA PHE B 158 -32.71 -2.28 -6.33
C PHE B 158 -33.97 -2.16 -7.21
N GLU B 159 -34.86 -1.29 -6.79
CA GLU B 159 -36.13 -1.22 -7.52
C GLU B 159 -35.98 -0.54 -8.88
N ILE B 160 -35.18 0.51 -8.96
CA ILE B 160 -34.89 1.11 -10.27
C ILE B 160 -34.17 0.10 -11.21
N SER B 161 -33.19 -0.65 -10.72
CA SER B 161 -32.41 -1.54 -11.59
C SER B 161 -33.30 -2.68 -12.12
N LYS B 162 -34.20 -3.12 -11.30
CA LYS B 162 -35.12 -4.18 -11.72
C LYS B 162 -36.10 -3.68 -12.84
N LYS B 163 -36.54 -2.43 -12.77
CA LYS B 163 -37.47 -1.86 -13.77
C LYS B 163 -36.72 -1.52 -15.07
N GLU B 164 -35.44 -1.15 -14.97
CA GLU B 164 -34.78 -0.33 -16.01
C GLU B 164 -33.58 -1.04 -16.71
N MET B 165 -33.10 -2.15 -16.14
CA MET B 165 -31.82 -2.75 -16.58
C MET B 165 -31.99 -4.22 -16.75
N GLN B 166 -31.25 -4.81 -17.67
CA GLN B 166 -31.30 -6.25 -17.84
C GLN B 166 -30.56 -7.02 -16.70
N PRO B 167 -30.97 -8.25 -16.44
CA PRO B 167 -30.41 -9.06 -15.33
C PRO B 167 -28.92 -9.29 -15.48
N THR B 168 -28.39 -9.12 -16.70
CA THR B 168 -26.95 -9.30 -16.90
C THR B 168 -26.23 -7.97 -16.84
N HIS B 169 -26.89 -6.85 -16.58
CA HIS B 169 -26.12 -5.61 -16.47
C HIS B 169 -25.17 -5.68 -15.31
N PRO B 170 -23.90 -5.25 -15.46
CA PRO B 170 -23.01 -5.39 -14.35
C PRO B 170 -23.34 -4.51 -13.14
N ILE B 171 -23.96 -3.37 -13.37
CA ILE B 171 -24.29 -2.49 -12.28
C ILE B 171 -25.43 -3.14 -11.45
N ARG B 172 -26.37 -3.79 -12.13
CA ARG B 172 -27.48 -4.47 -11.46
C ARG B 172 -26.98 -5.70 -10.72
N LEU B 173 -26.04 -6.41 -11.33
CA LEU B 173 -25.45 -7.60 -10.73
C LEU B 173 -24.61 -7.22 -9.51
N GLY B 174 -23.86 -6.14 -9.65
CA GLY B 174 -23.03 -5.65 -8.56
C GLY B 174 -23.86 -5.22 -7.36
N LEU B 175 -24.94 -4.50 -7.63
CA LEU B 175 -25.83 -4.05 -6.58
C LEU B 175 -26.40 -5.28 -5.82
N ALA B 176 -26.89 -6.29 -6.53
CA ALA B 176 -27.35 -7.55 -5.92
C ALA B 176 -26.26 -8.10 -5.04
N LEU B 177 -25.00 -8.17 -5.54
CA LEU B 177 -23.90 -8.69 -4.71
C LEU B 177 -23.74 -7.89 -3.42
N ASN B 178 -23.66 -6.57 -3.50
CA ASN B 178 -23.36 -5.89 -2.26
C ASN B 178 -24.61 -5.84 -1.27
N PHE B 179 -25.82 -5.71 -1.83
CA PHE B 179 -27.09 -5.69 -1.01
C PHE B 179 -27.16 -7.06 -0.27
N SER B 180 -26.90 -8.16 -0.96
CA SER B 180 -26.92 -9.44 -0.31
C SER B 180 -25.87 -9.49 0.78
N VAL B 181 -24.71 -8.90 0.56
CA VAL B 181 -23.66 -8.89 1.60
C VAL B 181 -24.17 -8.08 2.81
N PHE B 182 -24.78 -6.96 2.51
CA PHE B 182 -25.43 -6.14 3.53
C PHE B 182 -26.46 -6.97 4.37
N TYR B 183 -27.38 -7.70 3.74
CA TYR B 183 -28.28 -8.62 4.48
C TYR B 183 -27.49 -9.63 5.33
N TYR B 184 -26.43 -10.21 4.76
CA TYR B 184 -25.71 -11.21 5.49
C TYR B 184 -24.96 -10.66 6.70
N GLU B 185 -24.20 -9.58 6.52
CA GLU B 185 -23.18 -9.22 7.52
C GLU B 185 -23.71 -8.13 8.38
N ILE B 186 -24.62 -7.28 7.87
CA ILE B 186 -25.05 -6.12 8.66
C ILE B 186 -26.43 -6.47 9.32
N LEU B 187 -27.39 -7.02 8.58
CA LEU B 187 -28.76 -7.29 9.14
C LEU B 187 -28.87 -8.66 9.80
N ASN B 188 -27.81 -9.43 9.62
CA ASN B 188 -27.71 -10.78 10.04
C ASN B 188 -28.93 -11.61 9.61
N SER B 189 -29.33 -11.45 8.34
CA SER B 189 -30.41 -12.30 7.75
C SER B 189 -29.91 -13.16 6.61
N PRO B 190 -29.26 -14.29 6.92
CA PRO B 190 -28.64 -15.10 5.92
C PRO B 190 -29.57 -15.62 4.88
N GLU B 191 -30.86 -15.76 5.26
CA GLU B 191 -31.82 -16.35 4.32
C GLU B 191 -32.17 -15.41 3.23
N LYS B 192 -32.35 -14.16 3.61
CA LYS B 192 -32.63 -13.13 2.67
C LYS B 192 -31.33 -12.84 1.79
N ALA B 193 -30.14 -12.93 2.39
CA ALA B 193 -28.88 -12.74 1.67
C ALA B 193 -28.79 -13.76 0.55
N CYS B 194 -29.05 -15.02 0.88
CA CYS B 194 -28.90 -16.12 -0.04
C CYS B 194 -29.93 -16.11 -1.13
N SER B 195 -31.17 -15.72 -0.78
CA SER B 195 -32.18 -15.79 -1.83
C SER B 195 -32.05 -14.60 -2.79
N LEU B 196 -31.70 -13.43 -2.28
CA LEU B 196 -31.34 -12.30 -3.18
C LEU B 196 -30.18 -12.71 -4.14
N ALA B 197 -29.10 -13.29 -3.63
CA ALA B 197 -27.91 -13.64 -4.49
C ALA B 197 -28.25 -14.72 -5.49
N LYS B 198 -29.03 -15.69 -5.03
CA LYS B 198 -29.44 -16.80 -5.87
C LYS B 198 -30.29 -16.33 -7.04
N THR B 199 -31.32 -15.55 -6.77
CA THR B 199 -32.14 -15.11 -7.87
C THR B 199 -31.40 -14.18 -8.84
N ALA B 200 -30.55 -13.33 -8.32
CA ALA B 200 -29.74 -12.49 -9.20
C ALA B 200 -28.91 -13.36 -10.16
N PHE B 201 -28.30 -14.40 -9.62
CA PHE B 201 -27.48 -15.33 -10.43
C PHE B 201 -28.36 -16.06 -11.47
N ASP B 202 -29.46 -16.66 -11.01
CA ASP B 202 -30.33 -17.46 -11.93
C ASP B 202 -30.96 -16.58 -12.98
N GLU B 203 -31.30 -15.34 -12.63
CA GLU B 203 -31.93 -14.50 -13.67
C GLU B 203 -30.91 -14.09 -14.74
N ALA B 204 -29.63 -13.84 -14.38
CA ALA B 204 -28.57 -13.53 -15.37
C ALA B 204 -28.34 -14.74 -16.24
N ILE B 205 -28.26 -15.90 -15.61
CA ILE B 205 -28.00 -17.15 -16.38
C ILE B 205 -29.11 -17.37 -17.44
N ALA B 206 -30.36 -17.16 -17.04
CA ALA B 206 -31.49 -17.33 -17.94
C ALA B 206 -31.38 -16.40 -19.15
N GLU B 207 -31.11 -15.12 -18.89
CA GLU B 207 -31.04 -14.12 -19.94
C GLU B 207 -29.93 -14.37 -20.98
N LEU B 208 -29.09 -15.36 -20.71
CA LEU B 208 -27.98 -15.68 -21.60
C LEU B 208 -28.16 -16.50 -22.88
N LEU B 211 -26.26 -9.48 -23.20
CA LEU B 211 -24.81 -9.53 -22.99
C LEU B 211 -24.09 -9.06 -24.26
N SER B 212 -23.25 -8.04 -24.11
CA SER B 212 -22.36 -7.56 -25.18
C SER B 212 -20.93 -7.50 -24.67
N TYR B 216 -20.80 -10.43 -20.72
CA TYR B 216 -19.38 -10.44 -21.03
C TYR B 216 -18.48 -10.55 -19.80
N LYS B 217 -17.38 -9.81 -19.80
CA LYS B 217 -16.34 -10.05 -18.86
C LYS B 217 -16.74 -9.58 -17.50
N ASP B 218 -17.21 -8.36 -17.36
CA ASP B 218 -17.51 -7.89 -16.03
C ASP B 218 -18.79 -8.59 -15.46
N SER B 219 -19.76 -8.93 -16.30
CA SER B 219 -20.97 -9.57 -15.80
C SER B 219 -20.67 -10.93 -15.28
N THR B 220 -19.96 -11.73 -16.06
CA THR B 220 -19.65 -13.08 -15.65
C THR B 220 -18.75 -13.15 -14.42
N LEU B 221 -17.92 -12.14 -14.20
CA LEU B 221 -17.12 -12.12 -12.99
C LEU B 221 -17.97 -11.86 -11.74
N ILE B 222 -18.91 -10.93 -11.79
CA ILE B 222 -19.79 -10.72 -10.67
C ILE B 222 -20.70 -11.95 -10.42
N MET B 223 -21.03 -12.69 -11.47
CA MET B 223 -21.81 -13.93 -11.35
C MET B 223 -21.07 -14.93 -10.53
N GLN B 224 -19.75 -15.05 -10.81
CA GLN B 224 -18.89 -15.92 -10.03
C GLN B 224 -18.82 -15.52 -8.58
N LEU B 225 -18.70 -14.23 -8.32
CA LEU B 225 -18.64 -13.77 -6.93
C LEU B 225 -19.98 -14.00 -6.26
N LEU B 226 -21.09 -13.88 -6.99
CA LEU B 226 -22.40 -14.23 -6.36
C LEU B 226 -22.43 -15.67 -5.91
N ARG B 227 -21.99 -16.58 -6.77
CA ARG B 227 -22.09 -17.97 -6.51
C ARG B 227 -21.07 -18.36 -5.39
N ASP B 228 -19.89 -17.73 -5.38
CA ASP B 228 -18.93 -18.02 -4.31
C ASP B 228 -19.54 -17.65 -2.92
N ASN B 229 -20.28 -16.56 -2.85
CA ASN B 229 -20.92 -16.19 -1.62
C ASN B 229 -21.99 -17.20 -1.25
N LEU B 230 -22.81 -17.58 -2.20
CA LEU B 230 -23.75 -18.67 -2.00
C LEU B 230 -23.09 -19.97 -1.49
N THR B 231 -21.96 -20.36 -2.07
CA THR B 231 -21.23 -21.56 -1.63
C THR B 231 -20.72 -21.38 -0.17
N LEU B 232 -20.09 -20.24 0.11
CA LEU B 232 -19.67 -19.91 1.49
C LEU B 232 -20.82 -19.93 2.51
N TRP B 233 -21.92 -19.23 2.21
CA TRP B 233 -23.00 -19.03 3.18
C TRP B 233 -23.87 -20.26 3.37
N THR B 234 -23.64 -21.29 2.55
CA THR B 234 -24.41 -22.53 2.64
C THR B 234 -23.75 -23.73 3.30
N SER B 235 -22.45 -23.90 3.06
CA SER B 235 -21.70 -25.04 3.64
C SER B 235 -22.47 -26.31 4.07
N GLN C 1 11.46 -10.97 11.37
CA GLN C 1 11.32 -10.54 9.98
C GLN C 1 12.20 -11.33 9.04
N GLY C 2 11.79 -11.35 7.73
CA GLY C 2 12.41 -12.05 6.59
C GLY C 2 13.61 -11.22 6.28
N LEU C 4 14.31 -10.39 3.01
CA LEU C 4 13.91 -9.35 2.05
C LEU C 4 13.73 -8.06 2.82
N ASP C 5 13.02 -8.14 3.96
CA ASP C 5 12.55 -6.96 4.68
C ASP C 5 13.59 -6.42 5.62
N LEU C 7 16.68 -6.75 5.91
CA LEU C 7 17.89 -6.36 5.20
C LEU C 7 17.62 -5.48 3.96
N ASP C 8 16.34 -5.13 3.72
CA ASP C 8 16.04 -4.18 2.61
C ASP C 8 16.80 -4.59 1.29
N LEU C 9 16.63 -5.85 0.94
CA LEU C 9 17.42 -6.49 -0.13
C LEU C 9 17.06 -5.92 -1.50
N ALA C 10 18.05 -5.54 -2.33
CA ALA C 10 17.68 -4.99 -3.66
C ALA C 10 17.34 -6.11 -4.66
N SER C 11 17.03 -5.70 -5.90
CA SER C 11 16.72 -6.58 -7.05
C SER C 11 15.30 -7.14 -6.98
N GLN D 1 -11.49 0.50 -15.99
CA GLN D 1 -11.04 -0.29 -14.84
C GLN D 1 -11.85 -1.58 -14.72
N GLY D 2 -11.25 -2.58 -14.08
CA GLY D 2 -11.90 -3.87 -13.89
C GLY D 2 -13.06 -3.78 -12.92
N LEU D 4 -14.03 -5.36 -10.01
CA LEU D 4 -14.00 -5.25 -8.56
C LEU D 4 -13.76 -3.81 -8.12
N ASP D 5 -12.90 -3.10 -8.84
CA ASP D 5 -12.58 -1.70 -8.53
C ASP D 5 -13.67 -0.69 -8.89
N LEU D 7 -16.96 -1.12 -9.19
CA LEU D 7 -18.22 -1.28 -8.49
C LEU D 7 -17.99 -1.35 -6.98
N ASP D 8 -16.73 -1.36 -6.57
CA ASP D 8 -16.38 -1.42 -5.14
C ASP D 8 -17.05 -2.70 -4.48
N LEU D 9 -16.81 -3.84 -5.09
CA LEU D 9 -17.37 -5.11 -4.62
C LEU D 9 -16.88 -5.42 -3.21
N ALA D 10 -17.76 -5.99 -2.40
CA ALA D 10 -17.37 -6.38 -1.09
C ALA D 10 -16.92 -7.78 -1.36
N SER D 11 -16.84 -8.60 -0.34
CA SER D 11 -16.58 -10.00 -0.58
C SER D 11 -17.92 -10.71 -0.60
#